data_9OT0
#
_entry.id   9OT0
#
_cell.length_a   107.339
_cell.length_b   107.339
_cell.length_c   50.644
_cell.angle_alpha   90.000
_cell.angle_beta   90.000
_cell.angle_gamma   120.000
#
_symmetry.space_group_name_H-M   'P 3 2 1'
#
loop_
_entity.id
_entity.type
_entity.pdbx_description
1 polymer 'Antarctic Rhodopsin'
2 non-polymer RETINAL
3 non-polymer 'OLEIC ACID'
4 water water
#
_entity_poly.entity_id   1
_entity_poly.type   'polypeptide(L)'
_entity_poly.pdbx_seq_one_letter_code
;MDNQIEIVFAAGIALFSVAAAYFFWAYKKDFNSAFLVSFITIISYILMLEGSLVSAGARGGEVYATRWLFYGLSCSLLMY
EIARFLRKSQSEIVFLMFLTVIVMGTGGAAAYFEGWYKIGFFVLSSVAYVLLVYPLLTSVSPNRSAVAKYILLGWTGFPI
AFLLAPDGFGIITTTTAAILYLLLDIFTKVIFYFDLHRKMEVNAQKVLAVSGSVGLEHHHHHH
;
_entity_poly.pdbx_strand_id   A
#
loop_
_chem_comp.id
_chem_comp.type
_chem_comp.name
_chem_comp.formula
OLA non-polymer 'OLEIC ACID' 'C18 H34 O2'
RET non-polymer RETINAL 'C20 H28 O'
#
# COMPACT_ATOMS: atom_id res chain seq x y z
N GLN A 4 -19.35 -11.44 -8.36
CA GLN A 4 -18.99 -11.53 -6.92
C GLN A 4 -17.89 -10.50 -6.62
N ILE A 5 -16.71 -10.71 -7.16
CA ILE A 5 -15.59 -9.82 -6.87
C ILE A 5 -15.84 -8.42 -7.41
N GLU A 6 -16.68 -8.28 -8.44
CA GLU A 6 -17.06 -6.97 -8.93
C GLU A 6 -17.63 -6.08 -7.84
N ILE A 7 -18.36 -6.67 -6.88
CA ILE A 7 -18.95 -5.89 -5.80
C ILE A 7 -17.85 -5.32 -4.91
N VAL A 8 -16.79 -6.10 -4.68
CA VAL A 8 -15.67 -5.62 -3.86
C VAL A 8 -14.97 -4.46 -4.54
N PHE A 9 -14.70 -4.59 -5.85
CA PHE A 9 -14.02 -3.52 -6.56
C PHE A 9 -14.86 -2.26 -6.60
N ALA A 10 -16.16 -2.39 -6.86
CA ALA A 10 -17.05 -1.24 -6.87
C ALA A 10 -17.14 -0.58 -5.48
N ALA A 11 -17.15 -1.40 -4.42
CA ALA A 11 -17.02 -0.83 -3.09
C ALA A 11 -15.74 -0.01 -2.97
N GLY A 12 -14.64 -0.51 -3.51
CA GLY A 12 -13.39 0.24 -3.45
C GLY A 12 -13.44 1.55 -4.22
N ILE A 13 -14.04 1.52 -5.41
CA ILE A 13 -14.18 2.75 -6.19
C ILE A 13 -14.99 3.78 -5.43
N ALA A 14 -16.12 3.35 -4.86
CA ALA A 14 -17.00 4.29 -4.17
C ALA A 14 -16.34 4.86 -2.91
N LEU A 15 -15.73 4.00 -2.10
CA LEU A 15 -15.15 4.47 -0.84
C LEU A 15 -14.03 5.47 -1.09
N PHE A 16 -13.15 5.18 -2.03
CA PHE A 16 -12.02 6.08 -2.27
C PHE A 16 -12.41 7.32 -3.07
N SER A 17 -13.49 7.25 -3.87
CA SER A 17 -14.06 8.47 -4.43
C SER A 17 -14.55 9.40 -3.33
N VAL A 18 -15.25 8.85 -2.34
CA VAL A 18 -15.69 9.69 -1.22
C VAL A 18 -14.48 10.16 -0.42
N ALA A 19 -13.49 9.30 -0.23
CA ALA A 19 -12.32 9.68 0.54
C ALA A 19 -11.52 10.78 -0.14
N ALA A 20 -11.32 10.65 -1.46
CA ALA A 20 -10.58 11.69 -2.18
C ALA A 20 -11.31 13.04 -2.09
N ALA A 21 -12.64 13.01 -2.23
CA ALA A 21 -13.41 14.25 -2.14
C ALA A 21 -13.31 14.88 -0.77
N TYR A 22 -13.36 14.07 0.30
CA TYR A 22 -13.23 14.64 1.63
C TYR A 22 -11.82 15.20 1.85
N PHE A 23 -10.80 14.44 1.43
CA PHE A 23 -9.42 14.90 1.66
C PHE A 23 -9.12 16.17 0.87
N PHE A 24 -9.66 16.30 -0.34
CA PHE A 24 -9.40 17.52 -1.10
C PHE A 24 -9.99 18.75 -0.41
N TRP A 25 -11.26 18.66 0.00
CA TRP A 25 -11.94 19.84 0.55
C TRP A 25 -11.48 20.14 1.98
N ALA A 26 -11.25 19.11 2.79
CA ALA A 26 -10.94 19.34 4.20
C ALA A 26 -9.52 19.82 4.42
N TYR A 27 -8.59 19.54 3.53
CA TYR A 27 -7.20 19.91 3.78
C TYR A 27 -6.79 21.13 2.95
N LYS A 28 -5.67 21.70 3.33
CA LYS A 28 -5.11 22.90 2.67
C LYS A 28 -4.93 22.67 1.16
N LYS A 29 -5.24 23.71 0.41
CA LYS A 29 -5.09 23.64 -1.06
C LYS A 29 -3.62 23.84 -1.41
N ASP A 30 -2.82 22.81 -1.15
CA ASP A 30 -1.38 22.74 -1.48
C ASP A 30 -1.04 21.28 -1.81
N PHE A 31 0.20 20.85 -1.62
CA PHE A 31 0.49 19.42 -1.83
C PHE A 31 -0.35 18.56 -0.87
N ASN A 32 -1.36 17.89 -1.40
CA ASN A 32 -2.28 17.06 -0.59
C ASN A 32 -2.02 15.58 -0.90
N SER A 33 -1.14 14.95 -0.15
CA SER A 33 -0.81 13.56 -0.43
C SER A 33 -1.98 12.63 -0.16
N ALA A 34 -2.82 12.95 0.84
CA ALA A 34 -3.97 12.10 1.14
C ALA A 34 -4.94 12.05 -0.03
N PHE A 35 -5.13 13.19 -0.70
CA PHE A 35 -5.96 13.19 -1.90
C PHE A 35 -5.33 12.37 -3.03
N LEU A 36 -4.01 12.53 -3.24
CA LEU A 36 -3.37 11.84 -4.35
C LEU A 36 -3.39 10.33 -4.14
N VAL A 37 -3.10 9.88 -2.91
CA VAL A 37 -3.11 8.45 -2.60
C VAL A 37 -4.49 7.85 -2.88
N SER A 38 -5.54 8.56 -2.47
CA SER A 38 -6.89 8.03 -2.69
C SER A 38 -7.27 8.05 -4.18
N PHE A 39 -6.92 9.14 -4.88
CA PHE A 39 -7.25 9.25 -6.30
C PHE A 39 -6.58 8.15 -7.11
N ILE A 40 -5.30 7.87 -6.82
CA ILE A 40 -4.61 6.78 -7.50
C ILE A 40 -5.28 5.45 -7.20
N THR A 41 -5.79 5.28 -5.98
CA THR A 41 -6.39 4.00 -5.64
C THR A 41 -7.69 3.78 -6.42
N ILE A 42 -8.46 4.84 -6.66
CA ILE A 42 -9.64 4.76 -7.53
C ILE A 42 -9.24 4.22 -8.90
N ILE A 43 -8.23 4.86 -9.51
CA ILE A 43 -7.77 4.43 -10.84
C ILE A 43 -7.47 2.93 -10.82
N SER A 44 -6.77 2.49 -9.78
CA SER A 44 -6.37 1.09 -9.67
C SER A 44 -7.59 0.17 -9.55
N TYR A 45 -8.60 0.56 -8.76
CA TYR A 45 -9.77 -0.29 -8.59
C TYR A 45 -10.61 -0.35 -9.87
N ILE A 46 -10.71 0.75 -10.63
CA ILE A 46 -11.42 0.72 -11.90
C ILE A 46 -10.74 -0.22 -12.87
N LEU A 47 -9.41 -0.17 -12.95
CA LEU A 47 -8.70 -1.07 -13.85
C LEU A 47 -8.91 -2.52 -13.44
N MET A 48 -8.91 -2.81 -12.13
CA MET A 48 -9.16 -4.19 -11.69
C MET A 48 -10.59 -4.61 -12.00
N LEU A 49 -11.55 -3.69 -11.84
CA LEU A 49 -12.94 -3.98 -12.19
C LEU A 49 -13.08 -4.26 -13.68
N GLU A 50 -12.40 -3.48 -14.53
CA GLU A 50 -12.51 -3.70 -15.98
C GLU A 50 -12.09 -5.11 -16.38
N GLY A 51 -11.14 -5.71 -15.67
CA GLY A 51 -10.90 -7.14 -15.78
C GLY A 51 -9.95 -7.61 -16.87
N SER A 52 -9.37 -6.71 -17.68
CA SER A 52 -8.49 -7.12 -18.77
C SER A 52 -7.12 -7.57 -18.30
N LEU A 53 -6.67 -7.18 -17.12
CA LEU A 53 -5.33 -7.55 -16.71
C LEU A 53 -5.34 -8.57 -15.57
N VAL A 54 -6.28 -9.51 -15.59
CA VAL A 54 -6.32 -10.63 -14.67
C VAL A 54 -5.39 -11.72 -15.18
N SER A 55 -4.87 -12.51 -14.28
CA SER A 55 -4.09 -13.67 -14.67
C SER A 55 -4.45 -14.80 -13.72
N ALA A 56 -4.13 -16.02 -14.13
CA ALA A 56 -4.49 -17.17 -13.32
C ALA A 56 -3.58 -17.23 -12.10
N GLY A 57 -4.16 -17.61 -10.96
CA GLY A 57 -3.40 -17.74 -9.74
C GLY A 57 -3.48 -19.13 -9.14
N ALA A 58 -2.99 -19.29 -7.92
CA ALA A 58 -2.88 -20.61 -7.33
C ALA A 58 -4.26 -21.20 -7.07
N ARG A 59 -4.36 -22.53 -7.21
CA ARG A 59 -5.56 -23.28 -6.82
C ARG A 59 -6.81 -22.74 -7.51
N GLY A 60 -6.69 -22.41 -8.80
CA GLY A 60 -7.84 -21.91 -9.54
C GLY A 60 -8.28 -20.51 -9.21
N GLY A 61 -7.45 -19.73 -8.50
CA GLY A 61 -7.76 -18.34 -8.24
C GLY A 61 -7.29 -17.40 -9.35
N GLU A 62 -7.49 -16.11 -9.12
CA GLU A 62 -7.06 -15.06 -10.04
C GLU A 62 -6.13 -14.07 -9.34
N VAL A 63 -5.33 -13.39 -10.14
CA VAL A 63 -4.38 -12.39 -9.69
C VAL A 63 -4.62 -11.10 -10.46
N TYR A 64 -4.68 -9.98 -9.75
CA TYR A 64 -4.77 -8.66 -10.35
C TYR A 64 -3.47 -7.92 -10.05
N ALA A 65 -2.43 -8.25 -10.82
CA ALA A 65 -1.09 -7.77 -10.50
C ALA A 65 -0.92 -6.26 -10.66
N THR A 66 -1.82 -5.56 -11.37
CA THR A 66 -1.65 -4.12 -11.47
C THR A 66 -1.89 -3.42 -10.14
N ARG A 67 -2.57 -4.08 -9.18
CA ARG A 67 -2.68 -3.55 -7.82
C ARG A 67 -1.31 -3.22 -7.23
N TRP A 68 -0.37 -4.15 -7.36
CA TRP A 68 0.95 -3.95 -6.78
C TRP A 68 1.74 -2.88 -7.53
N LEU A 69 1.57 -2.80 -8.85
CA LEU A 69 2.26 -1.74 -9.60
C LEU A 69 1.76 -0.37 -9.18
N PHE A 70 0.45 -0.21 -9.01
CA PHE A 70 -0.10 1.06 -8.55
C PHE A 70 0.35 1.40 -7.14
N TYR A 71 0.55 0.40 -6.26
CA TYR A 71 1.06 0.70 -4.93
C TYR A 71 2.45 1.33 -4.98
N GLY A 72 3.23 1.03 -6.03
CA GLY A 72 4.52 1.67 -6.17
C GLY A 72 4.42 3.17 -6.16
N LEU A 73 3.34 3.70 -6.76
CA LEU A 73 3.12 5.15 -6.75
C LEU A 73 2.46 5.59 -5.44
N SER A 74 1.34 4.98 -5.08
CA SER A 74 0.59 5.50 -3.92
C SER A 74 1.35 5.28 -2.62
N CYS A 75 2.05 4.15 -2.48
CA CYS A 75 2.79 3.90 -1.25
C CYS A 75 4.08 4.71 -1.17
N SER A 76 4.64 5.14 -2.29
CA SER A 76 5.75 6.10 -2.24
C SER A 76 5.32 7.41 -1.59
N LEU A 77 4.10 7.86 -1.90
CA LEU A 77 3.55 9.05 -1.25
C LEU A 77 3.38 8.81 0.25
N LEU A 78 2.87 7.63 0.63
CA LEU A 78 2.72 7.33 2.05
C LEU A 78 4.08 7.24 2.75
N MET A 79 5.07 6.62 2.12
CA MET A 79 6.38 6.52 2.75
C MET A 79 7.00 7.91 2.90
N TYR A 80 6.77 8.78 1.93
CA TYR A 80 7.23 10.16 2.06
C TYR A 80 6.68 10.77 3.35
N GLU A 81 5.37 10.66 3.57
CA GLU A 81 4.75 11.24 4.78
C GLU A 81 5.30 10.59 6.04
N ILE A 82 5.42 9.25 6.03
CA ILE A 82 5.85 8.51 7.21
C ILE A 82 7.28 8.88 7.59
N ALA A 83 8.20 8.88 6.61
CA ALA A 83 9.60 9.19 6.90
C ALA A 83 9.77 10.65 7.33
N ARG A 84 9.05 11.57 6.70
CA ARG A 84 9.10 12.96 7.14
C ARG A 84 8.57 13.12 8.56
N PHE A 85 7.48 12.42 8.88
CA PHE A 85 6.91 12.42 10.23
C PHE A 85 7.92 11.94 11.26
N LEU A 86 8.79 11.00 10.87
CA LEU A 86 9.84 10.53 11.75
C LEU A 86 11.11 11.35 11.62
N ARG A 87 11.06 12.47 10.88
CA ARG A 87 12.18 13.39 10.77
C ARG A 87 13.45 12.71 10.27
N LYS A 88 13.28 11.76 9.36
CA LYS A 88 14.40 11.21 8.60
C LYS A 88 15.04 12.32 7.76
N SER A 89 16.32 12.18 7.48
CA SER A 89 16.93 13.14 6.57
C SER A 89 16.36 13.01 5.16
N GLN A 90 16.62 14.03 4.35
CA GLN A 90 16.14 14.05 2.97
C GLN A 90 16.69 12.86 2.18
N SER A 91 17.98 12.57 2.34
CA SER A 91 18.56 11.49 1.55
C SER A 91 18.05 10.13 2.02
N GLU A 92 17.61 10.08 3.27
CA GLU A 92 17.04 8.83 3.82
C GLU A 92 15.60 8.69 3.34
N ILE A 93 14.89 9.80 3.21
CA ILE A 93 13.52 9.79 2.70
C ILE A 93 13.52 9.26 1.27
N VAL A 94 14.45 9.76 0.46
CA VAL A 94 14.57 9.28 -0.91
C VAL A 94 14.87 7.78 -0.93
N PHE A 95 15.87 7.36 -0.15
CA PHE A 95 16.22 5.94 -0.09
C PHE A 95 15.01 5.05 0.22
N LEU A 96 14.21 5.44 1.21
CA LEU A 96 13.08 4.61 1.63
C LEU A 96 11.96 4.62 0.58
N MET A 97 11.79 5.74 -0.12
CA MET A 97 10.87 5.75 -1.23
C MET A 97 11.32 4.83 -2.36
N PHE A 98 12.64 4.70 -2.58
CA PHE A 98 13.14 3.78 -3.61
C PHE A 98 12.87 2.33 -3.21
N LEU A 99 13.24 1.95 -1.99
CA LEU A 99 12.89 0.63 -1.46
C LEU A 99 11.40 0.37 -1.59
N THR A 100 10.55 1.38 -1.34
CA THR A 100 9.12 1.15 -1.46
C THR A 100 8.72 0.77 -2.88
N VAL A 101 9.24 1.48 -3.90
CA VAL A 101 8.95 1.14 -5.29
C VAL A 101 9.47 -0.25 -5.61
N ILE A 102 10.68 -0.57 -5.13
CA ILE A 102 11.24 -1.89 -5.36
C ILE A 102 10.37 -2.98 -4.74
N VAL A 103 9.87 -2.77 -3.51
CA VAL A 103 9.03 -3.78 -2.87
C VAL A 103 7.80 -4.06 -3.72
N MET A 104 7.10 -2.99 -4.13
CA MET A 104 5.85 -3.17 -4.88
C MET A 104 6.10 -3.73 -6.27
N GLY A 105 7.17 -3.27 -6.93
CA GLY A 105 7.42 -3.72 -8.29
C GLY A 105 7.77 -5.19 -8.35
N THR A 106 8.68 -5.63 -7.47
CA THR A 106 8.99 -7.05 -7.45
C THR A 106 7.81 -7.86 -6.94
N GLY A 107 6.97 -7.25 -6.09
CA GLY A 107 5.79 -7.95 -5.59
C GLY A 107 4.78 -8.23 -6.69
N GLY A 108 4.55 -7.26 -7.58
CA GLY A 108 3.75 -7.53 -8.74
C GLY A 108 4.34 -8.61 -9.61
N ALA A 109 5.67 -8.62 -9.77
CA ALA A 109 6.31 -9.69 -10.53
C ALA A 109 6.10 -11.03 -9.86
N ALA A 110 6.30 -11.09 -8.54
CA ALA A 110 6.04 -12.31 -7.77
C ALA A 110 4.61 -12.80 -7.97
N ALA A 111 3.62 -11.88 -7.94
CA ALA A 111 2.23 -12.29 -8.11
C ALA A 111 1.98 -12.86 -9.51
N TYR A 112 2.64 -12.28 -10.52
CA TYR A 112 2.30 -12.63 -11.90
C TYR A 112 2.96 -13.92 -12.35
N PHE A 113 4.21 -14.14 -11.95
CA PHE A 113 4.99 -15.27 -12.41
C PHE A 113 4.76 -16.46 -11.49
N GLU A 114 5.45 -17.56 -11.78
CA GLU A 114 5.12 -18.88 -11.25
C GLU A 114 6.37 -19.57 -10.73
N GLY A 115 6.15 -20.62 -9.94
CA GLY A 115 7.24 -21.52 -9.58
C GLY A 115 8.36 -20.84 -8.82
N TRP A 116 9.60 -21.13 -9.23
CA TRP A 116 10.77 -20.55 -8.60
C TRP A 116 10.87 -19.05 -8.85
N TYR A 117 10.17 -18.53 -9.85
CA TYR A 117 10.21 -17.10 -10.08
C TYR A 117 9.33 -16.36 -9.08
N LYS A 118 8.13 -16.89 -8.81
CA LYS A 118 7.32 -16.37 -7.71
C LYS A 118 8.13 -16.37 -6.41
N ILE A 119 8.78 -17.49 -6.11
CA ILE A 119 9.55 -17.59 -4.87
C ILE A 119 10.72 -16.61 -4.87
N GLY A 120 11.45 -16.55 -5.99
CA GLY A 120 12.60 -15.66 -6.06
C GLY A 120 12.21 -14.20 -5.90
N PHE A 121 11.21 -13.75 -6.67
CA PHE A 121 10.73 -12.37 -6.55
C PHE A 121 10.16 -12.10 -5.16
N PHE A 122 9.43 -13.06 -4.57
CA PHE A 122 8.89 -12.84 -3.24
C PHE A 122 10.01 -12.60 -2.23
N VAL A 123 11.09 -13.40 -2.33
CA VAL A 123 12.22 -13.24 -1.42
C VAL A 123 12.87 -11.87 -1.61
N LEU A 124 13.17 -11.52 -2.87
CA LEU A 124 13.76 -10.22 -3.16
C LEU A 124 12.94 -9.10 -2.55
N SER A 125 11.63 -9.14 -2.79
CA SER A 125 10.69 -8.16 -2.21
C SER A 125 10.74 -8.18 -0.70
N SER A 126 10.92 -9.36 -0.10
CA SER A 126 10.92 -9.44 1.35
C SER A 126 12.20 -8.86 1.93
N VAL A 127 13.32 -9.02 1.24
CA VAL A 127 14.58 -8.44 1.71
C VAL A 127 14.51 -6.92 1.68
N ALA A 128 14.14 -6.36 0.52
CA ALA A 128 13.95 -4.92 0.42
C ALA A 128 12.99 -4.43 1.50
N TYR A 129 11.95 -5.22 1.79
CA TYR A 129 10.96 -4.81 2.77
C TYR A 129 11.54 -4.77 4.18
N VAL A 130 12.36 -5.77 4.54
CA VAL A 130 13.03 -5.76 5.84
C VAL A 130 13.91 -4.52 5.96
N LEU A 131 14.72 -4.24 4.93
CA LEU A 131 15.53 -3.04 4.89
C LEU A 131 14.68 -1.78 4.92
N LEU A 132 13.44 -1.87 4.42
CA LEU A 132 12.61 -0.68 4.41
C LEU A 132 12.09 -0.36 5.81
N VAL A 133 11.66 -1.37 6.57
CA VAL A 133 10.97 -1.11 7.83
C VAL A 133 11.91 -1.11 9.04
N TYR A 134 13.12 -1.62 8.91
CA TYR A 134 14.05 -1.61 10.04
C TYR A 134 14.36 -0.18 10.51
N PRO A 135 14.72 0.77 9.63
CA PRO A 135 14.94 2.14 10.11
C PRO A 135 13.69 2.82 10.65
N LEU A 136 12.51 2.34 10.28
CA LEU A 136 11.30 3.00 10.78
C LEU A 136 10.94 2.49 12.16
N LEU A 137 11.02 1.17 12.35
CA LEU A 137 10.63 0.53 13.61
C LEU A 137 11.66 0.76 14.70
N THR A 138 12.89 1.11 14.35
CA THR A 138 13.92 1.42 15.34
C THR A 138 14.21 2.91 15.41
N SER A 139 13.31 3.73 14.86
CA SER A 139 13.52 5.17 14.87
C SER A 139 13.54 5.71 16.29
N VAL A 140 14.42 6.69 16.55
CA VAL A 140 14.44 7.36 17.85
C VAL A 140 13.40 8.46 17.95
N SER A 141 12.64 8.69 16.88
CA SER A 141 11.57 9.68 16.92
C SER A 141 10.51 9.30 17.95
N PRO A 142 9.96 10.27 18.69
CA PRO A 142 8.78 9.94 19.52
C PRO A 142 7.54 9.63 18.71
N ASN A 143 7.53 9.93 17.42
CA ASN A 143 6.44 9.55 16.54
C ASN A 143 6.49 8.08 16.14
N ARG A 144 7.52 7.37 16.56
CA ARG A 144 7.72 5.99 16.16
C ARG A 144 6.51 5.12 16.48
N SER A 145 5.98 5.21 17.70
CA SER A 145 4.88 4.35 18.10
C SER A 145 3.65 4.62 17.25
N ALA A 146 3.32 5.90 17.03
CA ALA A 146 2.18 6.27 16.20
C ALA A 146 2.30 5.71 14.78
N VAL A 147 3.51 5.36 14.36
CA VAL A 147 3.80 4.93 13.00
C VAL A 147 3.89 3.41 12.95
N ALA A 148 4.35 2.80 14.05
CA ALA A 148 4.52 1.35 14.11
C ALA A 148 3.22 0.62 13.81
N LYS A 149 2.08 1.16 14.27
CA LYS A 149 0.84 0.43 14.10
C LYS A 149 0.44 0.29 12.63
N TYR A 150 0.72 1.30 11.79
CA TYR A 150 0.41 1.17 10.37
C TYR A 150 1.41 0.26 9.67
N ILE A 151 2.67 0.31 10.08
CA ILE A 151 3.68 -0.57 9.50
C ILE A 151 3.39 -2.03 9.85
N LEU A 152 3.14 -2.30 11.14
CA LEU A 152 3.01 -3.68 11.59
C LEU A 152 1.67 -4.27 11.22
N LEU A 153 0.59 -3.50 11.35
CA LEU A 153 -0.74 -4.04 11.11
C LEU A 153 -1.16 -3.90 9.66
N GLY A 154 -0.84 -2.78 9.03
CA GLY A 154 -1.30 -2.55 7.68
C GLY A 154 -0.29 -2.99 6.65
N TRP A 155 0.86 -2.31 6.61
CA TRP A 155 1.88 -2.61 5.60
C TRP A 155 2.28 -4.08 5.64
N THR A 156 2.58 -4.60 6.83
CA THR A 156 2.99 -5.99 6.95
C THR A 156 1.84 -6.97 6.78
N GLY A 157 0.60 -6.48 6.85
CA GLY A 157 -0.54 -7.34 6.54
C GLY A 157 -0.53 -7.82 5.10
N PHE A 158 0.01 -6.99 4.19
CA PHE A 158 -0.06 -7.32 2.76
C PHE A 158 0.73 -8.57 2.40
N PRO A 159 2.00 -8.72 2.78
CA PRO A 159 2.69 -9.96 2.39
C PRO A 159 2.07 -11.21 2.98
N ILE A 160 1.48 -11.13 4.19
CA ILE A 160 0.76 -12.27 4.76
C ILE A 160 -0.45 -12.60 3.90
N ALA A 161 -1.27 -11.59 3.60
CA ALA A 161 -2.42 -11.75 2.71
C ALA A 161 -2.00 -12.31 1.36
N PHE A 162 -0.93 -11.76 0.80
CA PHE A 162 -0.38 -12.24 -0.47
C PHE A 162 -0.09 -13.73 -0.42
N LEU A 163 0.60 -14.19 0.63
CA LEU A 163 0.98 -15.60 0.71
C LEU A 163 -0.26 -16.49 0.73
N LEU A 164 -1.32 -16.03 1.39
CA LEU A 164 -2.55 -16.80 1.50
C LEU A 164 -3.34 -16.76 0.20
N ALA A 165 -3.34 -15.59 -0.46
CA ALA A 165 -4.18 -15.30 -1.61
C ALA A 165 -3.75 -16.14 -2.83
N PRO A 166 -4.53 -16.10 -3.92
CA PRO A 166 -4.05 -16.75 -5.16
C PRO A 166 -2.76 -16.17 -5.70
N ASP A 167 -2.39 -14.95 -5.28
CA ASP A 167 -1.06 -14.41 -5.57
C ASP A 167 0.05 -15.33 -5.06
N GLY A 168 -0.19 -16.06 -3.98
CA GLY A 168 0.83 -16.89 -3.38
C GLY A 168 0.45 -18.36 -3.42
N PHE A 169 0.00 -18.92 -2.31
CA PHE A 169 -0.32 -20.35 -2.27
C PHE A 169 -1.77 -20.65 -2.64
N GLY A 170 -2.63 -19.65 -2.66
CA GLY A 170 -4.02 -19.88 -3.02
C GLY A 170 -4.87 -20.57 -1.97
N ILE A 171 -4.52 -20.40 -0.69
CA ILE A 171 -5.29 -20.99 0.41
C ILE A 171 -6.68 -20.36 0.53
N ILE A 172 -6.77 -19.05 0.31
CA ILE A 172 -8.05 -18.35 0.31
C ILE A 172 -8.42 -17.95 -1.11
N THR A 173 -9.73 -17.73 -1.33
CA THR A 173 -10.22 -17.43 -2.67
C THR A 173 -9.86 -16.00 -3.08
N THR A 174 -10.05 -15.72 -4.38
CA THR A 174 -9.74 -14.40 -4.93
C THR A 174 -10.59 -13.32 -4.27
N THR A 175 -11.86 -13.62 -4.01
CA THR A 175 -12.77 -12.64 -3.40
C THR A 175 -12.42 -12.39 -1.93
N THR A 176 -12.05 -13.45 -1.20
CA THR A 176 -11.61 -13.29 0.17
C THR A 176 -10.36 -12.40 0.24
N ALA A 177 -9.37 -12.69 -0.62
CA ALA A 177 -8.18 -11.86 -0.68
C ALA A 177 -8.52 -10.40 -0.99
N ALA A 178 -9.44 -10.18 -1.94
CA ALA A 178 -9.74 -8.81 -2.37
C ALA A 178 -10.39 -8.01 -1.24
N ILE A 179 -11.30 -8.63 -0.50
CA ILE A 179 -11.91 -7.98 0.66
C ILE A 179 -10.83 -7.63 1.68
N LEU A 180 -9.92 -8.56 1.93
CA LEU A 180 -8.83 -8.31 2.87
C LEU A 180 -7.91 -7.19 2.37
N TYR A 181 -7.59 -7.19 1.07
CA TYR A 181 -6.80 -6.09 0.50
C TYR A 181 -7.52 -4.75 0.64
N LEU A 182 -8.83 -4.75 0.49
CA LEU A 182 -9.58 -3.51 0.63
C LEU A 182 -9.57 -3.00 2.07
N LEU A 183 -9.74 -3.89 3.05
CA LEU A 183 -9.66 -3.47 4.44
C LEU A 183 -8.29 -2.89 4.75
N LEU A 184 -7.23 -3.58 4.32
CA LEU A 184 -5.88 -3.07 4.52
C LEU A 184 -5.70 -1.72 3.83
N ASP A 185 -6.26 -1.56 2.63
CA ASP A 185 -6.21 -0.29 1.90
C ASP A 185 -6.86 0.83 2.71
N ILE A 186 -8.04 0.56 3.28
CA ILE A 186 -8.75 1.58 4.04
C ILE A 186 -7.95 2.00 5.26
N PHE A 187 -7.34 1.03 5.93
CA PHE A 187 -6.57 1.31 7.14
C PHE A 187 -5.31 2.11 6.80
N THR A 188 -4.55 1.66 5.78
CA THR A 188 -3.28 2.31 5.50
C THR A 188 -3.41 3.61 4.71
N LYS A 189 -4.55 3.85 4.05
CA LYS A 189 -4.67 5.05 3.22
C LYS A 189 -5.68 6.07 3.69
N VAL A 190 -6.67 5.67 4.49
CA VAL A 190 -7.75 6.58 4.92
C VAL A 190 -7.68 6.82 6.42
N ILE A 191 -7.79 5.76 7.24
CA ILE A 191 -7.62 5.89 8.69
C ILE A 191 -6.29 6.56 9.01
N PHE A 192 -5.23 6.13 8.31
CA PHE A 192 -3.90 6.71 8.46
C PHE A 192 -3.97 8.23 8.55
N TYR A 193 -4.70 8.87 7.63
CA TYR A 193 -4.80 10.33 7.62
C TYR A 193 -5.80 10.85 8.65
N PHE A 194 -6.98 10.23 8.79
CA PHE A 194 -7.88 10.62 9.89
C PHE A 194 -7.11 10.67 11.21
N ASP A 195 -6.31 9.64 11.47
CA ASP A 195 -5.52 9.55 12.69
C ASP A 195 -4.44 10.63 12.76
N LEU A 196 -3.55 10.68 11.76
CA LEU A 196 -2.27 11.38 11.89
C LEU A 196 -2.19 12.71 11.17
N HIS A 197 -3.21 13.11 10.40
CA HIS A 197 -3.07 14.31 9.56
C HIS A 197 -2.63 15.53 10.36
N ARG A 198 -3.29 15.78 11.48
CA ARG A 198 -2.98 16.95 12.34
C ARG A 198 -1.52 16.92 12.82
N LYS A 199 -1.09 15.83 13.45
CA LYS A 199 0.30 15.77 13.92
C LYS A 199 1.28 15.86 12.77
N MET A 200 0.98 15.23 11.63
CA MET A 200 1.92 15.28 10.52
C MET A 200 2.00 16.68 9.93
N GLU A 201 0.88 17.39 9.94
CA GLU A 201 0.82 18.75 9.36
C GLU A 201 1.62 19.71 10.23
N VAL A 202 1.40 19.63 11.54
CA VAL A 202 2.12 20.48 12.52
C VAL A 202 3.61 20.14 12.45
N ASN A 203 3.96 18.88 12.26
CA ASN A 203 5.36 18.50 12.21
C ASN A 203 6.04 19.08 10.98
N ALA A 204 5.40 18.98 9.81
CA ALA A 204 5.98 19.49 8.58
C ALA A 204 6.17 21.00 8.62
N GLN A 205 5.34 21.73 9.37
CA GLN A 205 5.50 23.18 9.47
C GLN A 205 6.72 23.58 10.30
N LYS A 206 7.22 22.66 11.12
CA LYS A 206 8.40 22.93 11.97
C LYS A 206 9.69 22.44 11.30
N VAL A 207 9.60 21.83 10.12
CA VAL A 207 10.82 21.34 9.40
C VAL A 207 10.59 21.45 7.89
C1 RET B . 4.13 -7.75 -1.40
C2 RET B . 4.81 -8.90 -2.13
C3 RET B . 5.59 -9.87 -1.27
C4 RET B . 6.56 -9.19 -0.33
C5 RET B . 6.01 -7.92 0.26
C6 RET B . 4.93 -7.25 -0.19
C7 RET B . 4.60 -5.96 0.49
C8 RET B . 3.47 -5.24 0.33
C9 RET B . 3.17 -3.95 1.01
C10 RET B . 2.13 -3.23 0.55
C11 RET B . 1.68 -1.93 1.07
C12 RET B . 0.52 -1.39 0.64
C13 RET B . 0.06 -0.08 1.17
C14 RET B . -1.01 0.61 0.76
C15 RET B . -1.93 0.18 -0.24
C16 RET B . 4.04 -6.66 -2.46
C17 RET B . 2.73 -8.17 -0.96
C18 RET B . 6.78 -7.37 1.44
C19 RET B . 4.04 -3.51 2.15
C20 RET B . 0.82 0.60 2.26
C1 OLA C . -2.37 -10.56 -18.67
O1 OLA C . -1.98 -11.73 -18.93
O2 OLA C . -3.53 -10.13 -18.88
C2 OLA C . -1.38 -9.54 -18.05
C3 OLA C . -1.77 -9.11 -16.64
C4 OLA C . -0.91 -7.88 -16.17
C5 OLA C . 0.54 -8.29 -15.88
C6 OLA C . 1.19 -7.51 -14.71
C7 OLA C . 2.70 -7.21 -14.94
C8 OLA C . 3.54 -7.40 -13.65
C9 OLA C . 4.82 -8.10 -13.92
C10 OLA C . 6.02 -7.64 -13.55
C11 OLA C . 6.28 -6.36 -12.84
C12 OLA C . 7.53 -5.67 -13.38
C13 OLA C . 8.54 -5.39 -12.26
C14 OLA C . 8.87 -3.90 -12.11
C15 OLA C . 10.11 -3.63 -11.23
C16 OLA C . 10.23 -2.22 -10.69
C17 OLA C . 11.57 -1.97 -9.99
C18 OLA C . 11.59 -0.55 -9.46
C5 OLA D . -3.41 -2.76 -22.00
C6 OLA D . -2.30 -2.49 -20.99
C7 OLA D . -2.71 -1.49 -19.91
C8 OLA D . -1.77 -1.56 -18.68
C9 OLA D . -2.45 -1.01 -17.48
C10 OLA D . -1.87 -0.60 -16.34
C11 OLA D . -0.42 -0.60 -16.02
C12 OLA D . -0.21 -0.25 -14.54
C13 OLA D . 1.13 0.46 -14.27
C14 OLA D . 0.92 1.91 -13.79
C15 OLA D . 1.36 2.21 -12.34
C16 OLA D . 1.77 3.69 -12.07
C17 OLA D . 1.95 4.55 -13.32
C1 OLA E . 6.79 17.32 -1.53
O1 OLA E . 7.92 17.64 -1.97
O2 OLA E . 6.03 18.11 -0.90
C2 OLA E . 6.27 15.87 -1.76
C3 OLA E . 7.29 14.97 -2.47
C4 OLA E . 6.64 13.62 -2.86
C5 OLA E . 7.35 13.05 -4.08
C6 OLA E . 6.79 11.70 -4.59
C7 OLA E . 7.50 11.24 -5.88
C8 OLA E . 6.88 9.97 -6.50
C9 OLA E . 7.78 8.79 -6.30
C10 OLA E . 7.78 7.69 -7.07
C11 OLA E . 6.93 7.44 -8.26
C12 OLA E . 7.32 6.09 -8.92
C13 OLA E . 6.18 5.09 -8.87
C14 OLA E . 6.21 4.14 -10.09
C15 OLA E . 5.15 2.99 -10.12
C16 OLA E . 5.63 1.72 -10.85
C17 OLA E . 6.25 0.64 -9.94
C18 OLA E . 7.12 -0.29 -10.79
C1 OLA F . -15.78 -13.25 3.06
O1 OLA F . -17.00 -13.44 2.88
O2 OLA F . -14.84 -13.96 2.60
C2 OLA F . -15.31 -12.05 3.90
C3 OLA F . -13.79 -12.07 4.08
C4 OLA F . -13.40 -11.01 5.08
C5 OLA F . -11.90 -10.97 5.24
C6 OLA F . -11.53 -9.95 6.32
C7 OLA F . -10.29 -10.31 7.12
C8 OLA F . -10.67 -10.55 8.57
C9 OLA F . -10.23 -9.48 9.48
C10 OLA F . -8.93 -9.25 9.77
C11 OLA F . -8.46 -8.18 10.69
C1 OLA G . -17.46 1.75 -14.17
O1 OLA G . -16.44 1.90 -14.88
O2 OLA G . -18.29 0.80 -14.26
C2 OLA G . -17.72 2.80 -13.08
C3 OLA G . -16.54 3.74 -12.96
C4 OLA G . -16.99 5.00 -12.32
C5 OLA G . -15.85 5.97 -12.27
C6 OLA G . -15.98 6.85 -11.08
C7 OLA G . -15.87 8.32 -11.42
C8 OLA G . -15.47 9.05 -10.13
C9 OLA G . -15.74 10.49 -10.21
C10 OLA G . -15.29 11.33 -9.28
C11 OLA G . -14.50 10.87 -8.11
C12 OLA G . -14.19 12.05 -7.19
C13 OLA G . -12.70 12.21 -7.04
C14 OLA G . -12.40 13.21 -5.92
C15 OLA G . -13.30 14.47 -5.85
C16 OLA G . -12.52 15.77 -6.04
C17 OLA G . -13.22 16.99 -5.45
C18 OLA G . -14.49 17.26 -6.24
#